data_3LWO
#
_entry.id   3LWO
#
_cell.length_a   184.523
_cell.length_b   62.698
_cell.length_c   85.335
_cell.angle_alpha   90.00
_cell.angle_beta   90.00
_cell.angle_gamma   90.00
#
_symmetry.space_group_name_H-M   'P 21 21 2'
#
loop_
_entity.id
_entity.type
_entity.pdbx_description
1 polymer 'Pseudouridine synthase Cbf5'
2 polymer 'Ribosome biogenesis protein Nop10'
3 polymer '50S ribosomal protein L7Ae'
4 polymer 'H/ACA RNA'
5 polymer "5'-R(*GP*AP*GP*CP*GP*(5BU)P*GP*CP*GP*GP*UP*UP*U)-3'"
6 non-polymer 'ZINC ION'
7 water water
#
loop_
_entity_poly.entity_id
_entity_poly.type
_entity_poly.pdbx_seq_one_letter_code
_entity_poly.pdbx_strand_id
1 'polypeptide(L)'
;MARDEVRRILPADIKREVLIKDENAETNPDWGFPPEKRPIEMHIQFGVINLDKPPGPTSHEVVAWIKKILNLEKAGHGGT
LDPKVSGVLPVALEKATRVVQALLPAGKEYVALMHLHGDVPEDKIIQVMKEFEGEIIQRPPLRSAVKRRLRTRKVYYIEV
LEIEGRDVLFRVGVEAGTYIRSLIHHIGLALGVGAHMSELRRTRSGPFKEDETLITLHDLVDYYYFWKEDGIEEYFRKAI
QPMEKAVEHLPKVWIKDSAVAAVTHGADLAVPGIAKLHAGIKRGDLVAIMTLKDELVALGKAMMTSQEMLEKTKGIAVDV
EKVFMPRDWYPKLWEKRDRS
;
A
2 'polypeptide(L)' MRFRIRKCPKCGRYTLKEVCPVCGEKTKVAHPPRFSPEDPYGEYRRRWKREVLGIGRKEK B
3 'polypeptide(L)'
;MAKPSYVKFEVPKELAEKALQAVEIARDTGKIRKGTNETTKAVERGQAKLVIIAEDVDPEEIVAHLPPLCEEKEIPYIYV
PSKKELGAAAGIEVAAASVAIIEPGKARDLVEEIAMKVKELMK
;
C
4 'polyribonucleotide' GGGCCACGGAAACCGCGCGCGGUGAUCAAUGAGCCGCGUUCGCUCCCGUGGCCCACAA D
5 'polyribonucleotide' GAGCG(5BU)GCGGUUU E
#
loop_
_chem_comp.id
_chem_comp.type
_chem_comp.name
_chem_comp.formula
5BU RNA linking 5-BROMO-URIDINE-5'-MONOPHOSPHATE 'C9 H12 Br N2 O9 P'
A RNA linking ADENOSINE-5'-MONOPHOSPHATE 'C10 H14 N5 O7 P'
C RNA linking CYTIDINE-5'-MONOPHOSPHATE 'C9 H14 N3 O8 P'
G RNA linking GUANOSINE-5'-MONOPHOSPHATE 'C10 H14 N5 O8 P'
U RNA linking URIDINE-5'-MONOPHOSPHATE 'C9 H13 N2 O9 P'
ZN non-polymer 'ZINC ION' 'Zn 2'
#
# COMPACT_ATOMS: atom_id res chain seq x y z
N ARG A 8 -10.93 -17.56 -7.85
CA ARG A 8 -10.30 -16.46 -7.11
C ARG A 8 -10.49 -16.57 -5.60
N ILE A 9 -10.29 -17.78 -5.06
CA ILE A 9 -10.49 -18.08 -3.64
C ILE A 9 -9.23 -18.65 -2.95
N LEU A 10 -8.69 -17.85 -2.03
CA LEU A 10 -7.66 -18.30 -1.11
C LEU A 10 -8.34 -18.89 0.13
N PRO A 11 -7.68 -19.86 0.79
CA PRO A 11 -8.16 -20.39 2.08
C PRO A 11 -8.56 -19.30 3.07
N ALA A 12 -7.79 -18.22 3.13
CA ALA A 12 -8.14 -17.07 3.98
C ALA A 12 -9.62 -16.70 3.82
N ASP A 13 -10.17 -16.98 2.64
CA ASP A 13 -11.49 -16.49 2.26
C ASP A 13 -12.65 -17.33 2.74
N ILE A 14 -12.38 -18.59 3.10
CA ILE A 14 -13.47 -19.52 3.44
C ILE A 14 -14.43 -18.90 4.44
N LYS A 15 -15.71 -19.17 4.23
CA LYS A 15 -16.77 -18.59 5.05
C LYS A 15 -16.98 -19.39 6.33
N ARG A 16 -17.04 -18.68 7.46
CA ARG A 16 -17.20 -19.35 8.74
C ARG A 16 -18.48 -18.90 9.46
N GLU A 17 -19.32 -19.86 9.85
CA GLU A 17 -20.52 -19.56 10.61
C GLU A 17 -20.15 -19.43 12.09
N VAL A 18 -20.77 -18.49 12.80
CA VAL A 18 -20.51 -18.29 14.22
C VAL A 18 -21.55 -18.98 15.10
N LEU A 19 -21.12 -20.00 15.85
CA LEU A 19 -22.00 -20.74 16.76
C LEU A 19 -21.99 -20.12 18.15
N ILE A 20 -23.11 -20.24 18.86
CA ILE A 20 -23.25 -19.68 20.20
C ILE A 20 -23.27 -20.79 21.25
N LYS A 21 -22.52 -20.59 22.33
CA LYS A 21 -22.48 -21.57 23.41
C LYS A 21 -23.20 -21.06 24.67
N ASP A 22 -23.02 -19.78 24.98
CA ASP A 22 -23.71 -19.14 26.12
C ASP A 22 -24.31 -17.81 25.70
N GLU A 23 -25.62 -17.81 25.47
CA GLU A 23 -26.37 -16.65 25.02
C GLU A 23 -26.29 -15.48 26.00
N ASN A 24 -26.21 -15.80 27.29
CA ASN A 24 -26.26 -14.79 28.36
C ASN A 24 -25.06 -13.87 28.41
N ALA A 25 -23.86 -14.44 28.38
CA ALA A 25 -22.61 -13.69 28.47
C ALA A 25 -22.70 -12.25 27.96
N GLU A 26 -22.32 -11.32 28.83
CA GLU A 26 -22.23 -9.91 28.47
C GLU A 26 -20.86 -9.38 28.88
N THR A 27 -20.40 -8.34 28.22
CA THR A 27 -19.11 -7.78 28.56
C THR A 27 -19.24 -6.39 29.21
N ASN A 28 -18.49 -6.20 30.29
CA ASN A 28 -18.48 -4.95 31.05
C ASN A 28 -17.58 -3.89 30.40
N PRO A 29 -18.19 -2.74 30.02
CA PRO A 29 -17.56 -1.63 29.29
C PRO A 29 -16.46 -0.90 30.07
N ASP A 30 -16.30 -1.18 31.36
CA ASP A 30 -15.20 -0.60 32.11
C ASP A 30 -13.88 -1.28 31.76
N TRP A 31 -13.98 -2.54 31.32
CA TRP A 31 -12.80 -3.37 31.09
C TRP A 31 -12.38 -3.47 29.63
N GLY A 32 -11.06 -3.46 29.40
CA GLY A 32 -10.51 -3.63 28.08
C GLY A 32 -10.55 -2.39 27.21
N PHE A 33 -9.98 -2.50 26.02
CA PHE A 33 -10.00 -1.43 25.04
C PHE A 33 -10.27 -1.98 23.65
N PRO A 34 -11.54 -1.97 23.23
CA PRO A 34 -11.93 -2.20 21.84
C PRO A 34 -11.12 -1.29 20.93
N PRO A 35 -10.72 -1.79 19.76
CA PRO A 35 -9.80 -1.11 18.85
C PRO A 35 -10.12 0.35 18.61
N GLU A 36 -11.39 0.69 18.42
CA GLU A 36 -11.77 2.09 18.24
C GLU A 36 -12.18 2.74 19.57
N LYS A 37 -11.33 2.58 20.56
CA LYS A 37 -11.59 3.08 21.91
C LYS A 37 -10.23 3.15 22.58
N ARG A 38 -9.18 3.05 21.77
CA ARG A 38 -7.81 3.07 22.26
C ARG A 38 -7.13 4.38 21.97
N PRO A 39 -6.61 5.02 23.02
CA PRO A 39 -5.82 6.24 22.83
C PRO A 39 -4.81 6.00 21.71
N ILE A 40 -4.72 6.93 20.77
CA ILE A 40 -3.79 6.84 19.65
C ILE A 40 -2.46 6.15 20.03
N GLU A 41 -1.92 6.47 21.20
CA GLU A 41 -0.66 5.89 21.64
C GLU A 41 -0.72 4.37 21.78
N MET A 42 -1.76 3.89 22.46
CA MET A 42 -1.99 2.46 22.61
C MET A 42 -2.44 1.81 21.29
N HIS A 43 -3.07 2.60 20.44
CA HIS A 43 -3.49 2.11 19.15
C HIS A 43 -2.25 1.72 18.37
N ILE A 44 -1.19 2.48 18.54
CA ILE A 44 0.08 2.20 17.88
C ILE A 44 0.74 0.97 18.49
N GLN A 45 0.91 0.97 19.81
CA GLN A 45 1.48 -0.17 20.51
C GLN A 45 0.87 -1.50 20.08
N PHE A 46 -0.41 -1.49 19.73
CA PHE A 46 -1.09 -2.68 19.25
C PHE A 46 -1.61 -2.49 17.82
N GLY A 47 -0.74 -2.01 16.94
CA GLY A 47 -1.15 -1.64 15.60
C GLY A 47 -0.39 -2.38 14.53
N VAL A 48 -0.98 -2.40 13.33
CA VAL A 48 -0.36 -2.98 12.14
C VAL A 48 -0.55 -2.03 10.95
N ILE A 49 0.49 -1.92 10.13
CA ILE A 49 0.46 -1.05 8.97
C ILE A 49 0.29 -1.87 7.71
N ASN A 50 -0.78 -1.60 6.98
CA ASN A 50 -0.96 -2.21 5.68
C ASN A 50 -0.18 -1.39 4.67
N LEU A 51 1.12 -1.66 4.58
CA LEU A 51 1.98 -0.81 3.75
C LEU A 51 2.05 -1.20 2.28
N ASP A 52 2.02 -0.20 1.41
CA ASP A 52 2.26 -0.40 0.00
C ASP A 52 3.72 -0.10 -0.27
N LYS A 53 4.57 -1.10 -0.13
CA LYS A 53 5.99 -0.96 -0.41
C LYS A 53 6.27 -0.37 -1.80
N PRO A 54 7.08 0.69 -1.86
CA PRO A 54 7.55 1.25 -3.13
C PRO A 54 8.61 0.35 -3.74
N PRO A 55 8.86 0.48 -5.05
CA PRO A 55 9.97 -0.23 -5.69
C PRO A 55 11.33 0.39 -5.33
N GLY A 56 12.38 -0.41 -5.35
CA GLY A 56 13.71 0.08 -5.08
C GLY A 56 14.33 -0.56 -3.86
N PRO A 57 13.86 -0.17 -2.66
CA PRO A 57 14.38 -0.63 -1.37
C PRO A 57 14.10 -2.08 -1.10
N THR A 58 14.88 -2.68 -0.22
CA THR A 58 14.57 -4.00 0.32
C THR A 58 13.55 -3.79 1.43
N SER A 59 12.67 -4.76 1.62
CA SER A 59 11.64 -4.65 2.66
C SER A 59 12.26 -4.35 4.02
N HIS A 60 13.47 -4.85 4.25
CA HIS A 60 14.12 -4.68 5.54
C HIS A 60 14.47 -3.22 5.78
N GLU A 61 14.96 -2.56 4.73
CA GLU A 61 15.32 -1.14 4.81
C GLU A 61 14.09 -0.28 5.06
N VAL A 62 12.99 -0.64 4.40
CA VAL A 62 11.73 0.07 4.55
C VAL A 62 11.29 0.17 6.02
N VAL A 63 11.15 -0.98 6.66
CA VAL A 63 10.76 -1.04 8.06
C VAL A 63 11.76 -0.31 8.94
N ALA A 64 13.02 -0.25 8.50
CA ALA A 64 14.04 0.49 9.23
C ALA A 64 13.80 2.02 9.14
N TRP A 65 13.34 2.49 7.99
CA TRP A 65 13.01 3.90 7.83
C TRP A 65 11.79 4.25 8.67
N ILE A 66 10.94 3.26 8.88
CA ILE A 66 9.72 3.50 9.61
C ILE A 66 9.99 3.59 11.11
N LYS A 67 10.86 2.71 11.61
CA LYS A 67 11.19 2.73 13.02
C LYS A 67 11.87 4.03 13.42
N LYS A 68 12.61 4.62 12.48
CA LYS A 68 13.40 5.79 12.80
C LYS A 68 12.55 7.05 12.66
N ILE A 69 11.55 6.97 11.79
CA ILE A 69 10.68 8.12 11.51
C ILE A 69 9.48 8.18 12.43
N LEU A 70 8.97 7.03 12.83
CA LEU A 70 7.84 6.95 13.76
C LEU A 70 8.37 6.87 15.19
N ASN A 71 9.69 6.81 15.32
CA ASN A 71 10.33 6.59 16.61
C ASN A 71 9.78 5.36 17.32
N LEU A 72 10.06 4.20 16.73
CA LEU A 72 9.64 2.91 17.25
C LEU A 72 10.87 2.09 17.61
N GLU A 73 10.68 1.09 18.47
CA GLU A 73 11.79 0.22 18.87
C GLU A 73 11.64 -1.20 18.36
N LYS A 74 10.47 -1.53 17.82
CA LYS A 74 10.24 -2.83 17.20
C LYS A 74 9.15 -2.76 16.14
N ALA A 75 9.37 -3.48 15.05
CA ALA A 75 8.41 -3.55 13.96
C ALA A 75 8.88 -4.61 12.99
N GLY A 76 8.05 -5.61 12.72
CA GLY A 76 8.42 -6.67 11.83
C GLY A 76 7.44 -6.81 10.69
N HIS A 77 7.94 -6.82 9.46
CA HIS A 77 7.09 -7.03 8.31
C HIS A 77 6.91 -8.52 8.06
N GLY A 78 5.82 -8.88 7.39
CA GLY A 78 5.60 -10.26 6.99
C GLY A 78 6.49 -10.66 5.83
N GLY A 79 5.93 -11.46 4.91
CA GLY A 79 6.69 -12.00 3.79
C GLY A 79 7.55 -10.98 3.08
N THR A 80 8.86 -11.24 3.07
CA THR A 80 9.84 -10.34 2.49
C THR A 80 9.62 -10.12 1.00
N LEU A 81 9.10 -8.95 0.63
CA LEU A 81 9.04 -8.56 -0.79
C LEU A 81 10.44 -8.21 -1.33
N ASP A 82 10.75 -8.77 -2.50
CA ASP A 82 12.02 -8.45 -3.15
C ASP A 82 12.13 -6.97 -3.49
N PRO A 83 13.37 -6.48 -3.63
CA PRO A 83 13.63 -5.06 -3.88
C PRO A 83 12.74 -4.43 -4.94
N LYS A 84 12.68 -5.03 -6.13
CA LYS A 84 12.01 -4.40 -7.26
C LYS A 84 10.49 -4.45 -7.18
N VAL A 85 9.97 -5.22 -6.22
CA VAL A 85 8.54 -5.52 -6.10
C VAL A 85 7.80 -4.52 -5.20
N SER A 86 6.58 -4.15 -5.62
CA SER A 86 5.74 -3.22 -4.87
C SER A 86 4.49 -3.90 -4.33
N GLY A 87 3.77 -3.21 -3.45
CA GLY A 87 2.50 -3.72 -2.98
C GLY A 87 2.45 -4.06 -1.51
N VAL A 88 1.46 -4.88 -1.14
CA VAL A 88 1.11 -5.11 0.27
C VAL A 88 2.20 -5.75 1.11
N LEU A 89 2.73 -4.98 2.06
CA LEU A 89 3.71 -5.45 3.03
C LEU A 89 3.22 -5.12 4.43
N PRO A 90 2.64 -6.11 5.13
CA PRO A 90 2.08 -5.85 6.46
C PRO A 90 3.18 -5.61 7.46
N VAL A 91 3.16 -4.48 8.14
CA VAL A 91 4.15 -4.21 9.16
C VAL A 91 3.50 -4.17 10.53
N ALA A 92 3.81 -5.19 11.34
CA ALA A 92 3.30 -5.29 12.68
C ALA A 92 4.14 -4.43 13.63
N LEU A 93 3.47 -3.70 14.52
CA LEU A 93 4.14 -2.69 15.33
C LEU A 93 4.36 -3.07 16.80
N GLU A 94 5.52 -2.69 17.32
CA GLU A 94 5.76 -2.76 18.76
C GLU A 94 5.18 -4.01 19.41
N LYS A 95 4.16 -3.84 20.23
CA LYS A 95 3.64 -4.96 21.02
C LYS A 95 2.85 -5.96 20.20
N ALA A 96 2.48 -5.58 18.98
CA ALA A 96 1.74 -6.49 18.11
C ALA A 96 2.66 -7.20 17.15
N THR A 97 3.97 -7.07 17.34
CA THR A 97 4.92 -7.58 16.37
C THR A 97 4.68 -9.05 16.05
N ARG A 98 4.40 -9.84 17.08
CA ARG A 98 4.36 -11.27 16.89
C ARG A 98 3.11 -11.80 16.17
N VAL A 99 2.21 -10.92 15.72
CA VAL A 99 1.07 -11.39 14.92
C VAL A 99 1.48 -11.76 13.50
N VAL A 100 2.60 -11.25 13.04
CA VAL A 100 3.10 -11.63 11.72
C VAL A 100 3.10 -13.15 11.58
N GLN A 101 3.02 -13.85 12.70
CA GLN A 101 3.05 -15.31 12.69
C GLN A 101 1.70 -15.89 12.24
N ALA A 102 0.70 -15.02 12.16
CA ALA A 102 -0.57 -15.39 11.58
C ALA A 102 -0.54 -15.05 10.09
N LEU A 103 0.42 -14.23 9.70
CA LEU A 103 0.49 -13.74 8.32
C LEU A 103 1.39 -14.59 7.43
N LEU A 104 2.68 -14.60 7.76
CA LEU A 104 3.70 -15.31 6.99
C LEU A 104 3.21 -16.61 6.32
N PRO A 105 2.40 -17.42 7.03
CA PRO A 105 1.82 -18.66 6.48
C PRO A 105 0.67 -18.44 5.49
N ALA A 106 -0.02 -17.31 5.60
CA ALA A 106 -1.23 -17.04 4.83
C ALA A 106 -0.95 -16.89 3.33
N GLY A 107 -1.94 -17.22 2.52
CA GLY A 107 -1.85 -17.08 1.08
C GLY A 107 -1.59 -15.65 0.63
N LYS A 108 -0.92 -15.52 -0.52
CA LYS A 108 -0.65 -14.20 -1.07
C LYS A 108 -1.22 -14.12 -2.49
N GLU A 109 -1.44 -12.90 -2.99
CA GLU A 109 -1.82 -12.71 -4.38
C GLU A 109 -0.92 -11.68 -5.03
N TYR A 110 -0.60 -11.88 -6.31
CA TYR A 110 0.19 -10.89 -7.04
C TYR A 110 -0.43 -10.60 -8.38
N VAL A 111 -0.16 -9.40 -8.90
CA VAL A 111 -0.39 -9.09 -10.30
C VAL A 111 0.97 -9.05 -10.95
N ALA A 112 1.11 -9.74 -12.07
CA ALA A 112 2.42 -9.91 -12.66
C ALA A 112 2.38 -9.56 -14.12
N LEU A 113 3.48 -9.00 -14.61
CA LEU A 113 3.64 -8.75 -16.03
C LEU A 113 4.74 -9.67 -16.53
N MET A 114 4.35 -10.59 -17.40
CA MET A 114 5.30 -11.54 -17.96
C MET A 114 5.60 -11.13 -19.40
N HIS A 115 6.87 -11.19 -19.77
CA HIS A 115 7.24 -10.89 -21.15
C HIS A 115 7.70 -12.14 -21.90
N LEU A 116 6.95 -12.51 -22.93
CA LEU A 116 7.28 -13.68 -23.74
C LEU A 116 8.43 -13.37 -24.69
N HIS A 117 9.38 -14.30 -24.81
CA HIS A 117 10.50 -14.07 -25.70
C HIS A 117 10.17 -14.36 -27.16
N GLY A 118 8.99 -14.90 -27.41
CA GLY A 118 8.56 -15.24 -28.76
C GLY A 118 7.06 -15.14 -28.93
N ASP A 119 6.58 -15.25 -30.16
CA ASP A 119 5.16 -15.07 -30.41
C ASP A 119 4.36 -16.32 -30.08
N VAL A 120 3.22 -16.11 -29.43
CA VAL A 120 2.31 -17.19 -29.11
C VAL A 120 0.87 -16.68 -29.20
N PRO A 121 -0.01 -17.47 -29.82
CA PRO A 121 -1.42 -17.13 -29.93
C PRO A 121 -2.07 -16.93 -28.56
N GLU A 122 -3.00 -15.98 -28.45
CA GLU A 122 -3.60 -15.66 -27.17
C GLU A 122 -4.28 -16.88 -26.54
N ASP A 123 -4.73 -17.82 -27.35
CA ASP A 123 -5.40 -19.03 -26.85
C ASP A 123 -4.45 -19.99 -26.10
N LYS A 124 -3.28 -20.26 -26.70
CA LYS A 124 -2.23 -21.11 -26.10
C LYS A 124 -1.85 -20.61 -24.72
N ILE A 125 -1.49 -19.33 -24.66
CA ILE A 125 -1.09 -18.67 -23.44
C ILE A 125 -2.07 -18.97 -22.31
N ILE A 126 -3.34 -18.80 -22.58
CA ILE A 126 -4.38 -19.01 -21.56
C ILE A 126 -4.52 -20.48 -21.19
N GLN A 127 -4.72 -21.31 -22.20
CA GLN A 127 -4.78 -22.75 -22.03
C GLN A 127 -3.63 -23.25 -21.17
N VAL A 128 -2.42 -22.90 -21.57
CA VAL A 128 -1.21 -23.33 -20.88
C VAL A 128 -1.09 -22.78 -19.47
N MET A 129 -1.38 -21.51 -19.27
CA MET A 129 -1.33 -20.95 -17.92
C MET A 129 -2.35 -21.61 -16.98
N LYS A 130 -3.50 -22.00 -17.51
CA LYS A 130 -4.47 -22.76 -16.71
C LYS A 130 -3.90 -24.08 -16.19
N GLU A 131 -2.92 -24.64 -16.92
CA GLU A 131 -2.33 -25.93 -16.53
C GLU A 131 -1.42 -25.80 -15.32
N PHE A 132 -1.13 -24.56 -14.93
CA PHE A 132 -0.19 -24.33 -13.84
C PHE A 132 -0.85 -24.19 -12.47
N GLU A 133 -2.18 -24.05 -12.46
CA GLU A 133 -2.92 -24.15 -11.20
C GLU A 133 -2.60 -25.52 -10.59
N GLY A 134 -2.78 -25.64 -9.27
CA GLY A 134 -2.43 -26.87 -8.59
C GLY A 134 -1.05 -26.78 -7.98
N GLU A 135 -0.31 -27.89 -7.99
CA GLU A 135 1.02 -27.89 -7.37
C GLU A 135 2.18 -27.65 -8.35
N ILE A 136 3.25 -27.07 -7.82
CA ILE A 136 4.47 -26.82 -8.59
C ILE A 136 5.70 -27.03 -7.72
N ILE A 137 6.79 -27.48 -8.33
CA ILE A 137 8.04 -27.69 -7.63
C ILE A 137 9.04 -26.60 -8.00
N GLN A 138 9.80 -26.13 -7.00
CA GLN A 138 10.82 -25.10 -7.24
C GLN A 138 11.93 -25.11 -6.18
N ARG A 139 13.05 -24.46 -6.46
CA ARG A 139 14.16 -24.43 -5.51
C ARG A 139 14.97 -23.14 -5.55
N LEU A 150 14.82 -28.19 -2.63
CA LEU A 150 13.71 -28.41 -3.56
C LEU A 150 12.37 -28.53 -2.84
N ARG A 151 11.42 -27.66 -3.19
CA ARG A 151 10.17 -27.57 -2.45
C ARG A 151 8.91 -27.44 -3.32
N THR A 152 7.81 -28.04 -2.85
CA THR A 152 6.52 -27.99 -3.53
C THR A 152 5.57 -26.97 -2.89
N ARG A 153 4.89 -26.19 -3.74
CA ARG A 153 4.11 -25.05 -3.30
C ARG A 153 2.85 -24.90 -4.16
N LYS A 154 1.76 -24.39 -3.59
CA LYS A 154 0.48 -24.38 -4.30
C LYS A 154 0.12 -23.07 -5.01
N VAL A 155 -0.32 -23.20 -6.27
CA VAL A 155 -0.95 -22.12 -7.03
C VAL A 155 -2.47 -22.29 -7.00
N TYR A 156 -3.16 -21.40 -6.28
CA TYR A 156 -4.59 -21.53 -6.05
C TYR A 156 -5.42 -21.17 -7.28
N TYR A 157 -5.09 -20.05 -7.90
CA TYR A 157 -5.74 -19.64 -9.14
C TYR A 157 -4.79 -18.82 -9.97
N ILE A 158 -5.06 -18.77 -11.28
CA ILE A 158 -4.35 -17.88 -12.18
C ILE A 158 -5.35 -17.26 -13.14
N GLU A 159 -5.35 -15.94 -13.22
CA GLU A 159 -6.29 -15.23 -14.09
C GLU A 159 -5.55 -14.29 -15.01
N VAL A 160 -5.67 -14.52 -16.32
CA VAL A 160 -5.12 -13.58 -17.29
C VAL A 160 -6.03 -12.36 -17.43
N LEU A 161 -5.45 -11.18 -17.32
CA LEU A 161 -6.23 -9.97 -17.50
C LEU A 161 -6.07 -9.49 -18.93
N GLU A 162 -4.84 -9.31 -19.36
CA GLU A 162 -4.57 -8.71 -20.66
C GLU A 162 -3.35 -9.28 -21.36
N ILE A 163 -3.48 -9.43 -22.66
CA ILE A 163 -2.37 -9.80 -23.49
C ILE A 163 -2.20 -8.73 -24.57
N GLU A 164 -1.08 -8.02 -24.51
CA GLU A 164 -0.70 -7.10 -25.59
C GLU A 164 0.52 -7.63 -26.30
N GLY A 165 0.27 -8.42 -27.35
CA GLY A 165 1.33 -9.02 -28.12
C GLY A 165 2.12 -10.05 -27.33
N ARG A 166 3.29 -9.63 -26.85
CA ARG A 166 4.17 -10.52 -26.12
C ARG A 166 4.07 -10.33 -24.62
N ASP A 167 3.29 -9.33 -24.20
CA ASP A 167 3.14 -9.03 -22.78
C ASP A 167 1.85 -9.61 -22.23
N VAL A 168 1.98 -10.35 -21.14
CA VAL A 168 0.83 -11.00 -20.53
C VAL A 168 0.68 -10.54 -19.10
N LEU A 169 -0.44 -9.89 -18.81
CA LEU A 169 -0.70 -9.38 -17.47
C LEU A 169 -1.68 -10.32 -16.82
N PHE A 170 -1.40 -10.71 -15.57
CA PHE A 170 -2.27 -11.66 -14.90
C PHE A 170 -2.18 -11.59 -13.39
N ARG A 171 -3.28 -11.93 -12.73
CA ARG A 171 -3.32 -12.11 -11.29
C ARG A 171 -2.93 -13.52 -10.98
N VAL A 172 -2.32 -13.73 -9.83
CA VAL A 172 -2.06 -15.08 -9.38
C VAL A 172 -2.19 -15.19 -7.85
N GLY A 173 -2.79 -16.27 -7.38
CA GLY A 173 -2.87 -16.54 -5.96
C GLY A 173 -2.07 -17.77 -5.55
N VAL A 174 -1.28 -17.63 -4.51
CA VAL A 174 -0.31 -18.68 -4.17
C VAL A 174 -0.19 -18.96 -2.68
N GLU A 175 0.34 -20.13 -2.36
CA GLU A 175 0.69 -20.47 -0.98
C GLU A 175 1.83 -19.53 -0.58
N ALA A 176 2.10 -19.39 0.72
CA ALA A 176 3.22 -18.56 1.13
C ALA A 176 4.53 -19.18 0.68
N GLY A 177 5.49 -18.33 0.28
CA GLY A 177 6.80 -18.79 -0.12
C GLY A 177 6.94 -19.18 -1.58
N THR A 178 5.93 -18.88 -2.39
CA THR A 178 5.94 -19.24 -3.80
C THR A 178 6.68 -18.20 -4.63
N TYR A 179 7.53 -18.68 -5.56
CA TYR A 179 8.37 -17.80 -6.38
C TYR A 179 7.70 -17.56 -7.72
N ILE A 180 7.21 -16.35 -7.91
CA ILE A 180 6.49 -15.99 -9.12
C ILE A 180 7.47 -15.91 -10.28
N ARG A 181 8.63 -15.29 -10.04
CA ARG A 181 9.61 -15.17 -11.09
C ARG A 181 9.89 -16.52 -11.70
N SER A 182 9.92 -17.55 -10.86
CA SER A 182 10.23 -18.88 -11.32
C SER A 182 9.07 -19.47 -12.12
N LEU A 183 7.86 -19.27 -11.62
CA LEU A 183 6.65 -19.73 -12.30
C LEU A 183 6.57 -19.18 -13.71
N ILE A 184 6.78 -17.88 -13.84
CA ILE A 184 6.77 -17.26 -15.14
C ILE A 184 7.86 -17.90 -16.00
N HIS A 185 8.98 -18.25 -15.40
CA HIS A 185 10.02 -18.97 -16.13
C HIS A 185 9.50 -20.30 -16.70
N HIS A 186 8.87 -21.10 -15.86
CA HIS A 186 8.35 -22.39 -16.29
C HIS A 186 7.21 -22.27 -17.32
N ILE A 187 6.45 -21.19 -17.24
CA ILE A 187 5.42 -20.96 -18.22
C ILE A 187 6.10 -20.75 -19.57
N GLY A 188 7.11 -19.88 -19.59
CA GLY A 188 7.88 -19.65 -20.78
C GLY A 188 8.35 -20.97 -21.38
N LEU A 189 8.83 -21.86 -20.52
CA LEU A 189 9.28 -23.17 -20.97
C LEU A 189 8.16 -24.03 -21.54
N ALA A 190 7.02 -24.07 -20.86
CA ALA A 190 5.90 -24.87 -21.33
C ALA A 190 5.41 -24.34 -22.68
N LEU A 191 5.54 -23.03 -22.89
CA LEU A 191 5.08 -22.40 -24.11
C LEU A 191 6.08 -22.57 -25.23
N GLY A 192 7.33 -22.84 -24.86
CA GLY A 192 8.41 -22.96 -25.81
C GLY A 192 9.30 -21.74 -25.92
N VAL A 193 8.69 -20.61 -26.24
CA VAL A 193 9.43 -19.39 -26.57
C VAL A 193 10.25 -18.80 -25.41
N GLY A 194 10.02 -19.29 -24.20
CA GLY A 194 10.66 -18.76 -23.01
C GLY A 194 10.02 -17.48 -22.52
N ALA A 195 10.31 -17.10 -21.28
CA ALA A 195 9.70 -15.90 -20.71
C ALA A 195 10.47 -15.35 -19.51
N HIS A 196 10.28 -14.06 -19.24
CA HIS A 196 10.75 -13.49 -17.97
C HIS A 196 9.71 -12.53 -17.41
N MET A 197 9.82 -12.27 -16.11
CA MET A 197 8.88 -11.41 -15.42
C MET A 197 9.44 -10.00 -15.36
N SER A 198 8.78 -9.07 -16.04
CA SER A 198 9.29 -7.71 -16.09
C SER A 198 8.75 -6.79 -15.02
N GLU A 199 7.77 -7.26 -14.25
CA GLU A 199 7.10 -6.41 -13.25
C GLU A 199 6.20 -7.25 -12.35
N LEU A 200 6.26 -6.97 -11.05
CA LEU A 200 5.48 -7.74 -10.07
C LEU A 200 5.00 -6.84 -8.93
N ARG A 201 3.78 -7.07 -8.48
CA ARG A 201 3.18 -6.27 -7.43
C ARG A 201 2.27 -7.16 -6.62
N ARG A 202 2.38 -7.07 -5.30
CA ARG A 202 1.56 -7.94 -4.44
C ARG A 202 0.33 -7.17 -3.98
N THR A 203 -0.83 -7.73 -4.29
CA THR A 203 -2.11 -7.06 -4.05
C THR A 203 -2.82 -7.66 -2.86
N ARG A 204 -2.27 -8.72 -2.30
CA ARG A 204 -2.88 -9.33 -1.14
C ARG A 204 -1.94 -10.24 -0.38
N SER A 205 -2.04 -10.18 0.95
CA SER A 205 -1.28 -11.04 1.85
C SER A 205 -2.12 -11.37 3.08
N GLY A 206 -2.71 -12.56 3.11
CA GLY A 206 -3.64 -12.90 4.17
C GLY A 206 -4.82 -11.94 4.17
N PRO A 207 -5.17 -11.38 5.34
CA PRO A 207 -6.26 -10.42 5.50
C PRO A 207 -5.97 -9.06 4.89
N PHE A 208 -4.73 -8.80 4.45
CA PHE A 208 -4.39 -7.48 3.94
C PHE A 208 -4.56 -7.33 2.43
N LYS A 209 -5.53 -6.51 2.05
CA LYS A 209 -5.89 -6.26 0.67
C LYS A 209 -5.67 -4.80 0.29
N GLU A 210 -5.77 -4.49 -0.99
CA GLU A 210 -5.80 -3.11 -1.47
C GLU A 210 -7.18 -2.49 -1.22
N ASP A 211 -7.29 -1.67 -0.18
CA ASP A 211 -8.54 -1.03 0.16
C ASP A 211 -8.17 0.32 0.73
N GLU A 212 -9.05 0.96 1.49
CA GLU A 212 -8.73 2.28 2.01
C GLU A 212 -7.65 2.26 3.10
N THR A 213 -7.25 1.06 3.52
CA THR A 213 -6.27 0.89 4.58
C THR A 213 -4.84 0.74 4.05
N LEU A 214 -4.69 0.61 2.73
CA LEU A 214 -3.38 0.40 2.11
C LEU A 214 -2.66 1.73 1.84
N ILE A 215 -1.79 2.11 2.75
CA ILE A 215 -1.16 3.43 2.73
C ILE A 215 0.28 3.40 2.20
N THR A 216 0.64 4.39 1.38
CA THR A 216 2.00 4.51 0.89
C THR A 216 2.89 5.12 1.96
N LEU A 217 4.21 4.96 1.80
CA LEU A 217 5.13 5.57 2.75
C LEU A 217 4.90 7.08 2.87
N HIS A 218 4.78 7.76 1.73
CA HIS A 218 4.50 9.19 1.72
C HIS A 218 3.30 9.54 2.59
N ASP A 219 2.11 9.03 2.26
CA ASP A 219 0.93 9.33 3.06
C ASP A 219 1.17 9.05 4.53
N LEU A 220 1.94 8.01 4.81
CA LEU A 220 2.15 7.58 6.18
C LEU A 220 3.00 8.57 6.98
N VAL A 221 4.21 8.85 6.51
CA VAL A 221 5.12 9.72 7.26
C VAL A 221 4.53 11.11 7.36
N ASP A 222 3.68 11.46 6.41
CA ASP A 222 2.99 12.73 6.46
C ASP A 222 1.93 12.69 7.57
N TYR A 223 0.94 11.80 7.44
CA TYR A 223 -0.08 11.68 8.47
C TYR A 223 0.50 11.70 9.89
N TYR A 224 1.68 11.11 10.06
CA TYR A 224 2.40 11.10 11.34
C TYR A 224 2.72 12.52 11.81
N TYR A 225 3.40 13.29 10.95
CA TYR A 225 3.69 14.69 11.23
C TYR A 225 2.41 15.51 11.44
N PHE A 226 1.35 15.21 10.70
CA PHE A 226 0.09 15.89 10.92
C PHE A 226 -0.39 15.72 12.36
N TRP A 227 -0.20 14.53 12.92
CA TRP A 227 -0.62 14.27 14.29
C TRP A 227 0.39 14.82 15.30
N LYS A 228 1.65 14.47 15.09
CA LYS A 228 2.72 14.80 16.03
C LYS A 228 3.03 16.30 16.06
N GLU A 229 3.05 16.93 14.88
CA GLU A 229 3.42 18.35 14.77
C GLU A 229 2.22 19.29 14.64
N ASP A 230 1.14 18.81 14.01
CA ASP A 230 -0.01 19.65 13.75
C ASP A 230 -1.19 19.29 14.63
N GLY A 231 -1.08 18.17 15.36
CA GLY A 231 -2.09 17.76 16.31
C GLY A 231 -3.39 17.22 15.73
N ILE A 232 -3.32 16.68 14.52
CA ILE A 232 -4.48 16.02 13.91
C ILE A 232 -4.32 14.51 13.98
N GLU A 233 -5.30 13.84 14.57
CA GLU A 233 -5.20 12.42 14.83
C GLU A 233 -5.80 11.60 13.68
N GLU A 234 -7.08 11.84 13.38
CA GLU A 234 -7.78 11.18 12.29
C GLU A 234 -6.88 10.42 11.34
N TYR A 235 -6.21 11.19 10.50
CA TYR A 235 -5.45 10.65 9.37
C TYR A 235 -4.41 9.60 9.77
N PHE A 236 -3.68 9.86 10.84
CA PHE A 236 -2.69 8.89 11.28
C PHE A 236 -3.33 7.67 11.93
N ARG A 237 -4.49 7.86 12.55
CA ARG A 237 -5.18 6.75 13.17
C ARG A 237 -5.73 5.77 12.13
N LYS A 238 -6.16 6.29 10.99
CA LYS A 238 -6.63 5.46 9.87
C LYS A 238 -5.47 4.72 9.23
N ALA A 239 -4.25 5.20 9.47
CA ALA A 239 -3.08 4.60 8.85
C ALA A 239 -2.68 3.34 9.61
N ILE A 240 -2.88 3.36 10.92
CA ILE A 240 -2.60 2.18 11.73
C ILE A 240 -3.86 1.37 11.87
N GLN A 241 -3.74 0.05 11.73
CA GLN A 241 -4.85 -0.85 11.99
C GLN A 241 -4.65 -1.55 13.32
N PRO A 242 -5.75 -1.89 14.00
CA PRO A 242 -5.75 -2.67 15.23
C PRO A 242 -5.12 -4.02 14.93
N MET A 243 -4.40 -4.61 15.86
CA MET A 243 -3.85 -5.94 15.61
C MET A 243 -4.93 -6.96 15.22
N GLU A 244 -6.15 -6.75 15.70
CA GLU A 244 -7.26 -7.65 15.41
C GLU A 244 -7.44 -7.87 13.92
N LYS A 245 -6.99 -6.91 13.12
CA LYS A 245 -7.08 -6.99 11.67
C LYS A 245 -6.20 -8.11 11.13
N ALA A 246 -5.08 -8.36 11.81
CA ALA A 246 -4.13 -9.35 11.34
C ALA A 246 -4.61 -10.75 11.63
N VAL A 247 -5.86 -10.85 12.06
CA VAL A 247 -6.40 -12.11 12.53
C VAL A 247 -7.77 -12.44 11.89
N GLU A 248 -8.26 -11.54 11.04
CA GLU A 248 -9.56 -11.73 10.37
C GLU A 248 -9.70 -13.10 9.72
N HIS A 249 -8.60 -13.63 9.20
CA HIS A 249 -8.63 -14.91 8.49
C HIS A 249 -8.65 -16.15 9.38
N LEU A 250 -8.33 -15.99 10.67
CA LEU A 250 -8.25 -17.12 11.57
C LEU A 250 -9.61 -17.46 12.15
N PRO A 251 -9.83 -18.74 12.45
CA PRO A 251 -10.99 -19.18 13.22
C PRO A 251 -10.86 -18.55 14.60
N LYS A 252 -11.97 -18.15 15.20
CA LYS A 252 -11.93 -17.49 16.49
C LYS A 252 -12.81 -18.21 17.49
N VAL A 253 -12.45 -18.13 18.77
CA VAL A 253 -13.40 -18.46 19.80
C VAL A 253 -13.46 -17.26 20.73
N TRP A 254 -14.68 -16.87 21.10
CA TRP A 254 -14.87 -15.72 21.95
C TRP A 254 -15.10 -16.24 23.36
N ILE A 255 -14.45 -15.60 24.33
CA ILE A 255 -14.48 -16.05 25.71
C ILE A 255 -15.14 -15.04 26.63
N LYS A 256 -15.63 -15.53 27.77
CA LYS A 256 -16.29 -14.70 28.77
C LYS A 256 -15.31 -13.71 29.42
N ASP A 257 -15.86 -12.69 30.07
CA ASP A 257 -15.02 -11.71 30.77
C ASP A 257 -14.21 -12.37 31.89
N SER A 258 -14.86 -13.29 32.61
CA SER A 258 -14.24 -13.97 33.74
C SER A 258 -13.11 -14.91 33.32
N ALA A 259 -12.91 -15.08 32.02
CA ALA A 259 -11.92 -16.02 31.53
C ALA A 259 -10.71 -15.31 30.92
N VAL A 260 -10.87 -14.01 30.64
CA VAL A 260 -9.87 -13.24 29.92
C VAL A 260 -8.54 -13.05 30.69
N ALA A 261 -8.63 -12.50 31.89
CA ALA A 261 -7.47 -12.35 32.75
C ALA A 261 -6.72 -13.67 32.95
N ALA A 262 -7.45 -14.75 33.24
CA ALA A 262 -6.82 -16.06 33.38
C ALA A 262 -5.96 -16.40 32.17
N VAL A 263 -6.49 -16.15 30.98
CA VAL A 263 -5.79 -16.52 29.76
C VAL A 263 -4.53 -15.69 29.53
N THR A 264 -4.56 -14.41 29.88
CA THR A 264 -3.38 -13.56 29.70
C THR A 264 -2.31 -13.89 30.74
N HIS A 265 -2.67 -14.74 31.70
CA HIS A 265 -1.71 -15.17 32.71
C HIS A 265 -1.27 -16.58 32.42
N GLY A 266 -1.55 -17.04 31.20
CA GLY A 266 -1.02 -18.30 30.71
C GLY A 266 -1.90 -19.51 30.96
N ALA A 267 -3.14 -19.26 31.35
CA ALA A 267 -4.08 -20.35 31.56
C ALA A 267 -4.60 -20.83 30.22
N ASP A 268 -4.55 -22.13 29.98
CA ASP A 268 -5.19 -22.67 28.79
C ASP A 268 -6.68 -22.37 28.91
N LEU A 269 -7.38 -22.36 27.79
CA LEU A 269 -8.81 -22.02 27.80
C LEU A 269 -9.68 -23.24 27.99
N ALA A 270 -10.32 -23.33 29.14
CA ALA A 270 -11.24 -24.43 29.39
C ALA A 270 -12.61 -24.12 28.79
N VAL A 271 -13.28 -25.16 28.34
CA VAL A 271 -14.59 -25.02 27.72
C VAL A 271 -15.49 -24.00 28.43
N PRO A 272 -15.68 -24.16 29.74
CA PRO A 272 -16.64 -23.31 30.46
C PRO A 272 -16.43 -21.81 30.28
N GLY A 273 -15.33 -21.40 29.65
CA GLY A 273 -15.03 -20.00 29.49
C GLY A 273 -15.32 -19.48 28.09
N ILE A 274 -16.04 -20.30 27.31
CA ILE A 274 -16.34 -19.97 25.93
C ILE A 274 -17.76 -19.43 25.78
N ALA A 275 -17.90 -18.38 24.97
CA ALA A 275 -19.18 -17.75 24.71
C ALA A 275 -19.69 -18.12 23.32
N LYS A 276 -18.85 -17.88 22.31
CA LYS A 276 -19.20 -18.13 20.92
C LYS A 276 -17.97 -18.69 20.25
N LEU A 277 -18.14 -19.45 19.18
CA LEU A 277 -17.02 -19.87 18.35
C LEU A 277 -17.39 -20.13 16.89
N HIS A 278 -16.42 -19.94 16.00
CA HIS A 278 -16.58 -20.33 14.60
C HIS A 278 -16.78 -21.84 14.44
N ALA A 279 -17.53 -22.22 13.41
CA ALA A 279 -17.77 -23.61 13.08
C ALA A 279 -16.55 -24.21 12.40
N GLY A 280 -16.48 -25.54 12.39
CA GLY A 280 -15.46 -26.24 11.61
C GLY A 280 -14.02 -26.02 12.05
N ILE A 281 -13.82 -25.78 13.34
CA ILE A 281 -12.48 -25.82 13.91
C ILE A 281 -12.13 -27.29 14.17
N LYS A 282 -10.90 -27.65 13.83
CA LYS A 282 -10.41 -29.01 14.05
C LYS A 282 -9.24 -28.99 15.03
N ARG A 283 -9.07 -30.10 15.76
CA ARG A 283 -7.92 -30.26 16.66
C ARG A 283 -6.60 -30.01 15.92
N GLY A 284 -5.84 -29.04 16.40
CA GLY A 284 -4.53 -28.74 15.83
C GLY A 284 -4.53 -27.37 15.18
N ASP A 285 -5.74 -26.91 14.84
CA ASP A 285 -5.93 -25.63 14.13
C ASP A 285 -5.44 -24.45 14.92
N LEU A 286 -4.79 -23.52 14.26
CA LEU A 286 -4.48 -22.24 14.89
C LEU A 286 -5.77 -21.43 15.03
N VAL A 287 -6.05 -20.94 16.23
CA VAL A 287 -7.23 -20.11 16.46
C VAL A 287 -6.84 -18.85 17.20
N ALA A 288 -7.61 -17.79 17.00
CA ALA A 288 -7.46 -16.56 17.75
C ALA A 288 -8.51 -16.52 18.84
N ILE A 289 -8.13 -15.98 20.00
CA ILE A 289 -8.99 -15.94 21.15
C ILE A 289 -9.45 -14.52 21.44
N MET A 290 -10.73 -14.25 21.19
CA MET A 290 -11.26 -12.88 21.27
C MET A 290 -12.15 -12.69 22.48
N THR A 291 -12.09 -11.49 23.08
CA THR A 291 -13.07 -11.05 24.09
C THR A 291 -14.38 -10.70 23.41
N LEU A 292 -15.46 -10.57 24.17
CA LEU A 292 -16.77 -10.25 23.59
C LEU A 292 -16.84 -8.83 22.98
N LYS A 293 -15.86 -8.00 23.32
CA LYS A 293 -15.69 -6.71 22.66
C LYS A 293 -14.88 -6.84 21.35
N ASP A 294 -14.62 -8.08 20.97
CA ASP A 294 -13.87 -8.38 19.75
C ASP A 294 -12.43 -7.88 19.83
N GLU A 295 -11.83 -7.98 21.02
CA GLU A 295 -10.40 -7.72 21.19
C GLU A 295 -9.63 -9.01 21.10
N LEU A 296 -8.44 -8.95 20.51
CA LEU A 296 -7.55 -10.11 20.48
C LEU A 296 -6.86 -10.32 21.82
N VAL A 297 -7.10 -11.46 22.44
CA VAL A 297 -6.48 -11.82 23.70
C VAL A 297 -5.19 -12.55 23.44
N ALA A 298 -5.27 -13.61 22.63
CA ALA A 298 -4.13 -14.47 22.39
C ALA A 298 -4.39 -15.45 21.25
N LEU A 299 -3.29 -16.03 20.74
CA LEU A 299 -3.35 -17.07 19.71
C LEU A 299 -3.18 -18.43 20.38
N GLY A 300 -3.76 -19.47 19.79
CA GLY A 300 -3.69 -20.78 20.41
C GLY A 300 -3.96 -21.93 19.47
N LYS A 301 -3.80 -23.13 19.99
CA LYS A 301 -3.93 -24.34 19.20
C LYS A 301 -5.11 -25.11 19.76
N ALA A 302 -6.07 -25.42 18.90
CA ALA A 302 -7.31 -26.06 19.32
C ALA A 302 -7.08 -27.50 19.79
N MET A 303 -7.64 -27.83 20.94
CA MET A 303 -7.53 -29.17 21.50
C MET A 303 -8.85 -29.90 21.34
N MET A 304 -9.80 -29.24 20.68
CA MET A 304 -11.12 -29.80 20.41
C MET A 304 -11.69 -29.26 19.10
N THR A 305 -12.60 -30.01 18.49
CA THR A 305 -13.32 -29.51 17.32
C THR A 305 -14.36 -28.53 17.83
N SER A 306 -14.89 -27.70 16.94
CA SER A 306 -15.94 -26.75 17.33
C SER A 306 -17.14 -27.48 17.94
N GLN A 307 -17.39 -28.71 17.50
CA GLN A 307 -18.52 -29.49 18.02
C GLN A 307 -18.30 -30.01 19.44
N GLU A 308 -17.08 -30.46 19.74
CA GLU A 308 -16.75 -30.93 21.07
C GLU A 308 -16.89 -29.80 22.07
N MET A 309 -16.34 -28.64 21.70
CA MET A 309 -16.39 -27.46 22.56
C MET A 309 -17.83 -27.07 22.86
N LEU A 310 -18.68 -27.19 21.84
CA LEU A 310 -20.04 -26.72 21.97
C LEU A 310 -20.80 -27.57 22.97
N GLU A 311 -20.69 -28.89 22.83
CA GLU A 311 -21.48 -29.80 23.67
C GLU A 311 -20.87 -30.04 25.05
N LYS A 312 -19.55 -30.20 25.10
CA LYS A 312 -18.87 -30.50 26.36
C LYS A 312 -19.06 -29.40 27.40
N THR A 313 -18.97 -29.76 28.68
CA THR A 313 -19.09 -28.79 29.77
C THR A 313 -17.77 -28.54 30.51
N LYS A 314 -16.79 -29.42 30.31
CA LYS A 314 -15.46 -29.23 30.89
C LYS A 314 -14.34 -29.73 29.97
N GLY A 315 -13.12 -29.28 30.22
CA GLY A 315 -11.96 -29.68 29.44
C GLY A 315 -11.22 -28.51 28.81
N ILE A 316 -9.97 -28.74 28.42
CA ILE A 316 -9.18 -27.71 27.73
C ILE A 316 -9.54 -27.64 26.25
N ALA A 317 -9.97 -26.47 25.80
CA ALA A 317 -10.39 -26.30 24.42
C ALA A 317 -9.30 -25.66 23.57
N VAL A 318 -8.44 -24.86 24.19
CA VAL A 318 -7.39 -24.20 23.43
C VAL A 318 -6.12 -24.05 24.23
N ASP A 319 -5.03 -24.65 23.73
CA ASP A 319 -3.72 -24.42 24.32
C ASP A 319 -3.34 -23.00 23.96
N VAL A 320 -3.28 -22.14 24.96
CA VAL A 320 -2.81 -20.76 24.77
C VAL A 320 -1.29 -20.73 24.55
N GLU A 321 -0.85 -20.12 23.45
CA GLU A 321 0.55 -20.19 23.06
C GLU A 321 1.25 -18.83 22.93
N LYS A 322 0.49 -17.82 22.52
CA LYS A 322 1.01 -16.47 22.40
C LYS A 322 -0.04 -15.48 22.90
N VAL A 323 0.28 -14.76 23.97
CA VAL A 323 -0.63 -13.81 24.58
C VAL A 323 -0.28 -12.37 24.20
N PHE A 324 -1.27 -11.60 23.76
CA PHE A 324 -1.04 -10.24 23.28
C PHE A 324 -1.62 -9.17 24.18
N MET A 325 -2.78 -9.45 24.75
CA MET A 325 -3.41 -8.50 25.65
C MET A 325 -2.70 -8.46 26.99
N PRO A 326 -2.41 -7.25 27.48
CA PRO A 326 -1.82 -7.00 28.79
C PRO A 326 -2.66 -7.58 29.93
N ARG A 327 -2.01 -7.93 31.04
CA ARG A 327 -2.71 -8.59 32.14
C ARG A 327 -3.51 -7.65 33.01
N ASP A 328 -3.43 -6.34 32.76
CA ASP A 328 -4.12 -5.36 33.60
C ASP A 328 -5.39 -4.77 32.98
N TRP A 329 -5.72 -5.18 31.75
CA TRP A 329 -6.93 -4.68 31.09
C TRP A 329 -8.18 -5.28 31.73
N TYR A 330 -8.08 -6.55 32.11
CA TYR A 330 -9.18 -7.22 32.79
C TYR A 330 -8.77 -7.65 34.19
N PRO A 331 -9.72 -7.58 35.12
CA PRO A 331 -9.46 -7.91 36.52
C PRO A 331 -9.26 -9.42 36.68
N LYS A 332 -8.35 -9.79 37.58
CA LYS A 332 -8.14 -11.20 37.91
C LYS A 332 -9.36 -11.71 38.65
N LEU A 333 -10.41 -12.05 37.91
CA LEU A 333 -11.64 -12.57 38.52
C LEU A 333 -11.45 -13.91 39.26
N TRP A 334 -10.80 -14.87 38.61
CA TRP A 334 -10.59 -16.22 39.15
C TRP A 334 -10.28 -16.32 40.66
N PHE B 3 7.91 1.62 -15.97
CA PHE B 3 6.81 0.96 -15.26
C PHE B 3 5.56 0.88 -16.11
N ARG B 4 5.03 -0.34 -16.26
CA ARG B 4 3.98 -0.58 -17.24
C ARG B 4 2.60 -0.91 -16.67
N ILE B 5 2.55 -1.59 -15.52
CA ILE B 5 1.27 -1.97 -14.90
C ILE B 5 0.53 -0.74 -14.39
N ARG B 6 -0.73 -0.60 -14.79
CA ARG B 6 -1.55 0.53 -14.37
C ARG B 6 -2.83 0.00 -13.72
N LYS B 7 -3.48 0.83 -12.90
CA LYS B 7 -4.79 0.45 -12.38
C LYS B 7 -5.86 1.56 -12.33
N CYS B 8 -7.06 1.21 -12.77
CA CYS B 8 -8.28 2.05 -12.66
C CYS B 8 -8.39 2.57 -11.24
N PRO B 9 -8.56 3.89 -11.09
CA PRO B 9 -8.76 4.48 -9.76
C PRO B 9 -10.21 4.35 -9.29
N LYS B 10 -11.13 4.13 -10.22
CA LYS B 10 -12.53 3.92 -9.88
C LYS B 10 -12.81 2.46 -9.59
N CYS B 11 -12.42 1.58 -10.52
CA CYS B 11 -12.76 0.14 -10.45
C CYS B 11 -11.71 -0.75 -9.76
N GLY B 12 -10.48 -0.27 -9.68
CA GLY B 12 -9.37 -1.03 -9.10
C GLY B 12 -8.76 -2.04 -10.05
N ARG B 13 -9.20 -2.02 -11.31
CA ARG B 13 -8.77 -3.00 -12.29
C ARG B 13 -7.38 -2.75 -12.82
N TYR B 14 -6.57 -3.81 -12.83
CA TYR B 14 -5.23 -3.77 -13.40
C TYR B 14 -5.26 -3.93 -14.91
N THR B 15 -4.32 -3.26 -15.57
CA THR B 15 -4.38 -3.07 -17.01
C THR B 15 -3.11 -2.43 -17.52
N LEU B 16 -2.87 -2.50 -18.81
CA LEU B 16 -1.74 -1.82 -19.43
C LEU B 16 -2.24 -0.64 -20.26
N LYS B 17 -3.56 -0.52 -20.37
CA LYS B 17 -4.18 0.53 -21.16
C LYS B 17 -4.28 1.82 -20.36
N GLU B 18 -4.67 2.89 -21.05
CA GLU B 18 -4.78 4.19 -20.43
C GLU B 18 -6.21 4.54 -20.07
N VAL B 19 -7.19 3.81 -20.63
CA VAL B 19 -8.54 3.87 -20.08
C VAL B 19 -9.05 2.51 -19.59
N CYS B 20 -9.61 2.49 -18.38
CA CYS B 20 -10.25 1.30 -17.81
C CYS B 20 -11.05 0.58 -18.91
N PRO B 21 -10.68 -0.66 -19.21
CA PRO B 21 -11.49 -1.47 -20.13
C PRO B 21 -12.88 -1.74 -19.52
N VAL B 22 -13.00 -1.52 -18.22
CA VAL B 22 -14.24 -1.77 -17.51
C VAL B 22 -15.03 -0.48 -17.27
N CYS B 23 -14.46 0.47 -16.53
CA CYS B 23 -15.14 1.73 -16.19
C CYS B 23 -15.04 2.78 -17.29
N GLY B 24 -13.91 2.83 -17.97
CA GLY B 24 -13.68 3.89 -18.93
C GLY B 24 -12.95 5.08 -18.33
N GLU B 25 -12.53 4.99 -17.07
CA GLU B 25 -11.78 6.08 -16.43
C GLU B 25 -10.31 6.06 -16.82
N LYS B 26 -9.62 7.17 -16.62
CA LYS B 26 -8.19 7.23 -16.89
C LYS B 26 -7.42 6.43 -15.84
N THR B 27 -6.54 5.56 -16.29
CA THR B 27 -5.73 4.72 -15.39
C THR B 27 -4.45 5.42 -14.94
N LYS B 28 -3.90 4.95 -13.82
CA LYS B 28 -2.67 5.48 -13.27
C LYS B 28 -1.63 4.37 -13.04
N VAL B 29 -0.37 4.75 -12.82
CA VAL B 29 0.66 3.77 -12.53
C VAL B 29 0.30 3.05 -11.24
N ALA B 30 0.57 1.75 -11.19
CA ALA B 30 0.14 0.94 -10.05
C ALA B 30 1.11 1.04 -8.90
N HIS B 31 2.38 1.21 -9.24
CA HIS B 31 3.44 1.31 -8.24
C HIS B 31 3.47 2.67 -7.59
N PRO B 32 3.63 2.72 -6.27
CA PRO B 32 3.59 3.99 -5.57
C PRO B 32 4.85 4.82 -5.84
N PRO B 33 4.79 6.15 -5.60
CA PRO B 33 5.98 6.98 -5.81
C PRO B 33 7.11 6.40 -5.00
N ARG B 34 8.32 6.51 -5.54
CA ARG B 34 9.50 6.04 -4.82
C ARG B 34 9.75 6.97 -3.65
N PHE B 35 10.25 6.43 -2.54
CA PHE B 35 10.42 7.20 -1.30
C PHE B 35 11.86 7.20 -0.78
N SER B 36 12.24 8.30 -0.14
CA SER B 36 13.58 8.45 0.42
C SER B 36 13.50 8.88 1.89
N PRO B 37 14.41 8.36 2.74
CA PRO B 37 14.41 8.71 4.17
C PRO B 37 14.83 10.15 4.37
N GLU B 38 15.65 10.67 3.45
CA GLU B 38 16.04 12.06 3.44
C GLU B 38 14.85 12.96 3.10
N ASP B 39 13.83 12.37 2.48
CA ASP B 39 12.59 13.06 2.12
C ASP B 39 12.85 14.55 1.93
N PRO B 40 13.60 14.89 0.87
CA PRO B 40 14.10 16.25 0.65
C PRO B 40 13.00 17.30 0.51
N TYR B 41 11.87 16.93 -0.08
CA TYR B 41 10.81 17.91 -0.30
C TYR B 41 9.61 17.65 0.59
N GLY B 42 9.80 16.84 1.63
CA GLY B 42 8.75 16.50 2.55
C GLY B 42 8.03 17.73 3.07
N GLU B 43 8.81 18.72 3.47
CA GLU B 43 8.27 19.96 4.03
C GLU B 43 7.15 20.55 3.18
N TYR B 44 7.39 20.59 1.87
CA TYR B 44 6.51 21.31 0.96
C TYR B 44 5.41 20.42 0.45
N ARG B 45 5.66 19.12 0.44
CA ARG B 45 4.65 18.16 0.03
C ARG B 45 3.49 18.21 1.03
N ARG B 46 3.81 18.44 2.30
CA ARG B 46 2.78 18.47 3.33
C ARG B 46 1.96 19.73 3.24
N ARG B 47 2.59 20.80 2.75
CA ARG B 47 1.89 22.05 2.55
C ARG B 47 0.83 21.88 1.45
N TRP B 48 1.22 21.27 0.35
CA TRP B 48 0.29 20.93 -0.72
C TRP B 48 -0.83 20.02 -0.21
N LYS B 49 -0.44 19.07 0.62
CA LYS B 49 -1.34 18.02 1.08
C LYS B 49 -2.34 18.54 2.12
N ARG B 50 -1.87 19.40 3.03
CA ARG B 50 -2.74 20.04 4.02
C ARG B 50 -3.83 20.86 3.34
N GLU B 51 -3.48 21.52 2.23
CA GLU B 51 -4.46 22.29 1.49
C GLU B 51 -5.54 21.38 0.93
N VAL B 52 -5.13 20.21 0.46
CA VAL B 52 -6.08 19.25 -0.10
C VAL B 52 -7.04 18.72 0.97
N LEU B 53 -6.51 18.38 2.13
CA LEU B 53 -7.30 17.74 3.17
C LEU B 53 -8.19 18.72 3.93
N GLY B 54 -7.83 19.98 3.92
CA GLY B 54 -8.63 20.99 4.59
C GLY B 54 -7.93 21.67 5.75
N ILE B 55 -8.28 22.94 5.96
CA ILE B 55 -7.67 23.77 7.01
C ILE B 55 -7.50 23.02 8.33
N LYS C 3 -8.48 16.75 -13.92
CA LYS C 3 -7.05 17.12 -13.87
C LYS C 3 -6.49 17.16 -12.44
N PRO C 4 -5.15 16.99 -12.32
CA PRO C 4 -4.38 16.82 -11.07
C PRO C 4 -4.64 17.85 -9.97
N SER C 5 -4.19 17.52 -8.77
CA SER C 5 -4.44 18.36 -7.59
C SER C 5 -3.30 19.33 -7.28
N TYR C 6 -2.18 19.18 -7.99
CA TYR C 6 -1.11 20.14 -7.88
C TYR C 6 -1.32 21.24 -8.92
N VAL C 7 -2.24 21.00 -9.85
CA VAL C 7 -2.65 22.03 -10.81
C VAL C 7 -3.65 22.95 -10.13
N LYS C 8 -3.17 24.08 -9.62
CA LYS C 8 -3.96 24.94 -8.75
C LYS C 8 -4.68 26.08 -9.46
N PHE C 9 -4.63 26.10 -10.79
CA PHE C 9 -5.45 27.02 -11.59
C PHE C 9 -5.48 26.71 -13.10
N GLU C 10 -6.27 27.49 -13.84
CA GLU C 10 -6.57 27.20 -15.25
C GLU C 10 -5.75 28.02 -16.25
N VAL C 11 -5.06 27.32 -17.16
CA VAL C 11 -4.25 27.98 -18.18
C VAL C 11 -4.76 27.75 -19.61
N PRO C 12 -5.10 28.85 -20.31
CA PRO C 12 -5.66 28.94 -21.66
C PRO C 12 -4.69 28.51 -22.77
N LYS C 13 -5.22 27.91 -23.82
CA LYS C 13 -4.42 27.39 -24.92
C LYS C 13 -3.40 28.42 -25.44
N GLU C 14 -3.81 29.69 -25.47
CA GLU C 14 -2.96 30.76 -25.97
C GLU C 14 -1.76 30.98 -25.06
N LEU C 15 -2.03 31.16 -23.76
CA LEU C 15 -0.97 31.39 -22.78
C LEU C 15 -0.03 30.19 -22.70
N ALA C 16 -0.60 28.99 -22.61
CA ALA C 16 0.19 27.77 -22.50
C ALA C 16 1.10 27.62 -23.71
N GLU C 17 0.61 28.06 -24.87
CA GLU C 17 1.42 28.02 -26.09
C GLU C 17 2.46 29.12 -26.07
N LYS C 18 2.07 30.32 -25.63
CA LYS C 18 3.02 31.41 -25.48
C LYS C 18 4.10 31.02 -24.46
N ALA C 19 3.84 29.93 -23.74
CA ALA C 19 4.74 29.48 -22.68
C ALA C 19 5.78 28.48 -23.19
N LEU C 20 5.37 27.59 -24.10
CA LEU C 20 6.31 26.65 -24.69
C LEU C 20 7.26 27.38 -25.63
N GLN C 21 6.79 28.47 -26.22
CA GLN C 21 7.64 29.29 -27.07
C GLN C 21 8.66 30.02 -26.20
N ALA C 22 8.21 30.52 -25.06
CA ALA C 22 9.08 31.19 -24.11
C ALA C 22 10.32 30.35 -23.81
N VAL C 23 10.10 29.14 -23.31
CA VAL C 23 11.19 28.21 -23.03
C VAL C 23 12.06 27.96 -24.26
N GLU C 24 11.41 27.69 -25.38
CA GLU C 24 12.08 27.36 -26.63
C GLU C 24 13.16 28.39 -26.99
N ILE C 25 12.94 29.64 -26.56
CA ILE C 25 13.85 30.74 -26.86
C ILE C 25 15.09 30.74 -25.97
N ALA C 26 14.88 30.72 -24.67
CA ALA C 26 15.98 30.85 -23.71
C ALA C 26 16.98 29.71 -23.79
N ARG C 27 16.59 28.62 -24.44
CA ARG C 27 17.46 27.46 -24.60
C ARG C 27 18.75 27.83 -25.33
N ASP C 28 18.70 28.87 -26.15
CA ASP C 28 19.84 29.27 -26.97
C ASP C 28 20.31 30.71 -26.74
N THR C 29 19.36 31.63 -26.54
CA THR C 29 19.69 33.02 -26.30
C THR C 29 20.05 33.27 -24.83
N GLY C 30 19.60 32.37 -23.97
CA GLY C 30 19.87 32.49 -22.54
C GLY C 30 20.19 31.16 -21.87
N LYS C 31 19.69 30.98 -20.65
CA LYS C 31 19.95 29.76 -19.88
C LYS C 31 18.68 29.16 -19.28
N ILE C 32 18.52 27.84 -19.40
CA ILE C 32 17.43 27.13 -18.76
C ILE C 32 17.88 25.81 -18.15
N ARG C 33 17.01 25.20 -17.35
CA ARG C 33 17.26 23.90 -16.74
C ARG C 33 16.01 23.04 -16.85
N LYS C 34 16.20 21.74 -17.07
CA LYS C 34 15.08 20.83 -17.29
C LYS C 34 15.14 19.61 -16.36
N GLY C 35 13.96 19.09 -16.01
CA GLY C 35 13.87 18.00 -15.05
C GLY C 35 13.52 18.56 -13.69
N THR C 36 12.67 17.86 -12.95
CA THR C 36 12.19 18.36 -11.66
C THR C 36 13.32 18.67 -10.68
N ASN C 37 14.36 17.85 -10.68
CA ASN C 37 15.48 18.03 -9.76
C ASN C 37 16.24 19.34 -10.04
N GLU C 38 16.71 19.49 -11.28
CA GLU C 38 17.38 20.71 -11.67
C GLU C 38 16.48 21.93 -11.44
N THR C 39 15.18 21.75 -11.67
CA THR C 39 14.20 22.83 -11.56
C THR C 39 13.92 23.23 -10.12
N THR C 40 13.78 22.22 -9.26
CA THR C 40 13.57 22.44 -7.83
C THR C 40 14.80 23.13 -7.25
N LYS C 41 15.98 22.63 -7.60
CA LYS C 41 17.24 23.22 -7.14
C LYS C 41 17.32 24.69 -7.52
N ALA C 42 16.88 25.02 -8.73
CA ALA C 42 16.91 26.40 -9.19
C ALA C 42 16.05 27.28 -8.30
N VAL C 43 14.86 26.82 -7.95
CA VAL C 43 13.97 27.61 -7.12
C VAL C 43 14.54 27.84 -5.70
N GLU C 44 15.05 26.78 -5.08
CA GLU C 44 15.65 26.88 -3.75
C GLU C 44 16.87 27.79 -3.77
N ARG C 45 17.24 28.26 -4.95
CA ARG C 45 18.41 29.11 -5.12
C ARG C 45 18.00 30.51 -5.58
N GLY C 46 16.73 30.63 -5.97
CA GLY C 46 16.18 31.91 -6.40
C GLY C 46 16.68 32.32 -7.78
N GLN C 47 17.19 31.36 -8.53
CA GLN C 47 17.72 31.65 -9.87
C GLN C 47 16.66 31.41 -10.92
N ALA C 48 15.51 30.91 -10.49
CA ALA C 48 14.40 30.62 -11.40
C ALA C 48 13.50 31.83 -11.56
N LYS C 49 13.54 32.44 -12.75
CA LYS C 49 12.69 33.58 -13.03
C LYS C 49 11.26 33.12 -13.36
N LEU C 50 11.14 31.94 -13.97
CA LEU C 50 9.84 31.36 -14.25
C LEU C 50 9.86 29.83 -14.28
N VAL C 51 9.02 29.21 -13.47
CA VAL C 51 8.84 27.75 -13.45
C VAL C 51 7.70 27.33 -14.37
N ILE C 52 7.94 26.32 -15.20
CA ILE C 52 6.90 25.76 -16.06
C ILE C 52 6.68 24.26 -15.78
N ILE C 53 5.50 23.94 -15.24
CA ILE C 53 5.16 22.55 -14.88
C ILE C 53 4.16 21.95 -15.86
N ALA C 54 4.22 20.63 -16.06
CA ALA C 54 3.30 19.94 -16.96
C ALA C 54 2.07 19.39 -16.24
N GLU C 55 0.95 19.28 -16.95
CA GLU C 55 -0.32 18.93 -16.32
C GLU C 55 -0.58 17.42 -16.24
N ASP C 56 0.32 16.60 -16.79
CA ASP C 56 0.08 15.15 -16.86
C ASP C 56 1.15 14.31 -16.15
N VAL C 57 1.55 14.72 -14.95
CA VAL C 57 2.62 14.02 -14.22
C VAL C 57 2.09 12.98 -13.25
N ASP C 58 2.34 11.71 -13.55
CA ASP C 58 1.87 10.62 -12.72
C ASP C 58 3.05 9.74 -12.28
N PRO C 59 3.30 9.66 -10.96
CA PRO C 59 2.55 10.20 -9.80
C PRO C 59 2.68 11.70 -9.58
N GLU C 60 1.75 12.26 -8.81
CA GLU C 60 1.77 13.68 -8.49
C GLU C 60 2.94 14.06 -7.58
N GLU C 61 3.40 13.12 -6.77
CA GLU C 61 4.48 13.39 -5.81
C GLU C 61 5.74 13.90 -6.51
N ILE C 62 5.81 13.72 -7.82
CA ILE C 62 6.96 14.13 -8.61
C ILE C 62 7.09 15.66 -8.72
N VAL C 63 5.95 16.36 -8.72
CA VAL C 63 5.95 17.81 -8.88
C VAL C 63 5.03 18.51 -7.89
N ALA C 64 4.36 17.74 -7.04
CA ALA C 64 3.42 18.30 -6.08
C ALA C 64 4.04 19.44 -5.28
N HIS C 65 5.33 19.32 -4.98
CA HIS C 65 6.02 20.27 -4.13
C HIS C 65 6.29 21.62 -4.81
N LEU C 66 6.41 21.62 -6.13
CA LEU C 66 6.82 22.82 -6.86
C LEU C 66 5.99 24.08 -6.54
N PRO C 67 4.65 24.00 -6.67
CA PRO C 67 3.80 25.16 -6.36
C PRO C 67 4.04 25.78 -4.97
N PRO C 68 3.81 25.04 -3.87
CA PRO C 68 4.10 25.61 -2.54
C PRO C 68 5.52 26.13 -2.39
N LEU C 69 6.44 25.58 -3.19
CA LEU C 69 7.84 25.98 -3.17
C LEU C 69 7.99 27.36 -3.82
N CYS C 70 7.36 27.52 -4.99
CA CYS C 70 7.41 28.76 -5.73
C CYS C 70 6.76 29.93 -4.99
N GLU C 71 5.67 29.65 -4.27
CA GLU C 71 4.98 30.69 -3.52
C GLU C 71 5.81 31.17 -2.33
N GLU C 72 6.65 30.29 -1.80
CA GLU C 72 7.51 30.63 -0.67
C GLU C 72 8.67 31.53 -1.12
N LYS C 73 9.25 31.22 -2.28
CA LYS C 73 10.34 32.02 -2.84
C LYS C 73 9.82 33.07 -3.83
N GLU C 74 8.51 33.27 -3.83
CA GLU C 74 7.86 34.28 -4.67
C GLU C 74 8.22 34.21 -6.15
N ILE C 75 8.23 32.99 -6.69
CA ILE C 75 8.59 32.75 -8.08
C ILE C 75 7.40 32.24 -8.89
N PRO C 76 7.12 32.90 -10.04
CA PRO C 76 6.00 32.61 -10.94
C PRO C 76 6.07 31.22 -11.56
N TYR C 77 4.98 30.47 -11.46
CA TYR C 77 4.94 29.13 -12.05
C TYR C 77 3.73 29.01 -12.96
N ILE C 78 3.84 28.16 -13.99
CA ILE C 78 2.80 28.05 -14.99
C ILE C 78 2.72 26.65 -15.57
N TYR C 79 1.53 26.25 -16.01
CA TYR C 79 1.28 24.89 -16.47
C TYR C 79 1.22 24.77 -17.99
N VAL C 80 1.45 23.55 -18.47
CA VAL C 80 1.40 23.26 -19.89
C VAL C 80 0.81 21.87 -20.11
N PRO C 81 -0.14 21.76 -21.03
CA PRO C 81 -0.91 20.54 -21.31
C PRO C 81 -0.12 19.24 -21.14
N SER C 82 1.02 19.12 -21.82
CA SER C 82 1.72 17.84 -21.87
C SER C 82 3.21 17.93 -21.57
N LYS C 83 3.74 16.88 -20.94
CA LYS C 83 5.14 16.81 -20.56
C LYS C 83 6.03 16.31 -21.69
N LYS C 84 5.45 15.55 -22.63
CA LYS C 84 6.18 15.11 -23.80
C LYS C 84 6.63 16.32 -24.60
N GLU C 85 5.66 17.17 -24.95
CA GLU C 85 5.91 18.36 -25.75
C GLU C 85 6.73 19.39 -24.99
N LEU C 86 6.78 19.28 -23.67
CA LEU C 86 7.59 20.18 -22.85
C LEU C 86 9.04 19.73 -22.87
N GLY C 87 9.25 18.42 -22.86
CA GLY C 87 10.58 17.88 -23.00
C GLY C 87 11.11 18.20 -24.38
N ALA C 88 10.22 18.18 -25.36
CA ALA C 88 10.56 18.48 -26.74
C ALA C 88 11.09 19.91 -26.92
N ALA C 89 10.38 20.88 -26.36
CA ALA C 89 10.74 22.29 -26.55
C ALA C 89 11.80 22.78 -25.57
N ALA C 90 12.63 21.87 -25.08
CA ALA C 90 13.69 22.20 -24.12
C ALA C 90 15.08 21.79 -24.61
N GLY C 91 15.13 21.05 -25.70
CA GLY C 91 16.40 20.65 -26.29
C GLY C 91 16.71 19.20 -26.01
N ILE C 92 15.68 18.41 -25.73
CA ILE C 92 15.84 16.98 -25.49
C ILE C 92 14.78 16.16 -26.23
N GLU C 93 14.99 14.85 -26.30
CA GLU C 93 14.10 13.96 -27.05
C GLU C 93 13.30 13.06 -26.11
N VAL C 94 13.50 13.26 -24.81
CA VAL C 94 12.72 12.58 -23.78
C VAL C 94 11.80 13.57 -23.06
N ALA C 95 10.66 13.09 -22.58
CA ALA C 95 9.71 13.92 -21.86
C ALA C 95 10.31 14.51 -20.59
N ALA C 96 10.04 15.80 -20.36
CA ALA C 96 10.52 16.48 -19.15
C ALA C 96 9.34 16.97 -18.30
N ALA C 97 9.34 16.60 -17.03
CA ALA C 97 8.20 16.85 -16.15
C ALA C 97 8.03 18.31 -15.75
N SER C 98 9.13 19.07 -15.78
CA SER C 98 9.08 20.50 -15.42
C SER C 98 10.31 21.25 -15.92
N VAL C 99 10.24 22.58 -15.87
CA VAL C 99 11.33 23.42 -16.38
C VAL C 99 11.44 24.76 -15.64
N ALA C 100 12.67 25.25 -15.51
CA ALA C 100 12.89 26.61 -15.01
C ALA C 100 13.45 27.48 -16.12
N ILE C 101 13.35 28.79 -15.95
CA ILE C 101 14.01 29.71 -16.85
C ILE C 101 14.96 30.58 -16.04
N ILE C 102 16.24 30.22 -16.07
CA ILE C 102 17.25 30.87 -15.25
C ILE C 102 17.48 32.31 -15.68
N GLU C 103 17.66 32.49 -16.98
CA GLU C 103 17.86 33.81 -17.54
C GLU C 103 17.16 33.86 -18.90
N PRO C 104 16.25 34.83 -19.06
CA PRO C 104 15.32 34.96 -20.20
C PRO C 104 16.03 35.23 -21.53
N GLY C 105 17.00 36.13 -21.50
CA GLY C 105 17.69 36.53 -22.72
C GLY C 105 16.76 37.31 -23.63
N LYS C 106 16.19 36.63 -24.62
CA LYS C 106 15.35 37.30 -25.59
C LYS C 106 13.87 36.94 -25.45
N ALA C 107 13.52 36.42 -24.28
CA ALA C 107 12.13 36.12 -23.95
C ALA C 107 11.69 36.98 -22.77
N ARG C 108 12.40 38.09 -22.56
CA ARG C 108 12.16 38.96 -21.41
C ARG C 108 10.74 39.51 -21.36
N ASP C 109 10.33 40.21 -22.42
CA ASP C 109 9.00 40.81 -22.46
C ASP C 109 7.91 39.76 -22.69
N LEU C 110 8.32 38.54 -23.04
CA LEU C 110 7.38 37.43 -23.19
C LEU C 110 7.09 36.77 -21.85
N VAL C 111 8.09 36.78 -20.97
CA VAL C 111 7.94 36.25 -19.62
C VAL C 111 7.15 37.22 -18.77
N GLU C 112 7.60 38.46 -18.71
CA GLU C 112 6.91 39.49 -17.95
C GLU C 112 5.41 39.42 -18.28
N GLU C 113 5.09 39.21 -19.55
CA GLU C 113 3.69 39.03 -19.97
C GLU C 113 3.08 37.88 -19.19
N ILE C 114 3.65 36.69 -19.36
CA ILE C 114 3.23 35.51 -18.63
C ILE C 114 3.14 35.78 -17.13
N ALA C 115 4.28 36.14 -16.54
CA ALA C 115 4.41 36.30 -15.09
C ALA C 115 3.39 37.26 -14.45
N MET C 116 2.95 38.25 -15.23
CA MET C 116 2.02 39.27 -14.73
C MET C 116 0.54 38.89 -14.92
N LYS C 117 0.28 37.92 -15.79
CA LYS C 117 -1.09 37.47 -16.01
C LYS C 117 -1.39 36.15 -15.30
N VAL C 118 -0.42 35.64 -14.55
CA VAL C 118 -0.66 34.51 -13.66
C VAL C 118 -0.83 35.02 -12.23
N LYS C 119 -0.59 36.31 -12.04
CA LYS C 119 -0.83 36.96 -10.76
C LYS C 119 -2.34 37.07 -10.57
N GLU C 120 -3.05 37.08 -11.70
CA GLU C 120 -4.51 37.14 -11.69
C GLU C 120 -5.13 35.90 -11.04
N LEU C 121 -4.76 34.74 -11.58
CA LEU C 121 -5.44 33.48 -11.27
C LEU C 121 -5.09 32.91 -9.90
N MET C 122 -4.59 33.77 -9.01
CA MET C 122 -4.24 33.37 -7.65
C MET C 122 -5.26 33.90 -6.64
P 5BU E 6 6.68 -14.65 0.80
OP1 5BU E 6 5.64 -15.43 0.11
OP2 5BU E 6 6.57 -13.19 0.94
O5' 5BU E 6 8.05 -14.96 0.06
C5' 5BU E 6 9.04 -13.97 -0.08
C4' 5BU E 6 10.31 -14.74 -0.35
O4' 5BU E 6 10.17 -15.34 -1.66
C3' 5BU E 6 11.58 -13.94 -0.40
O3' 5BU E 6 12.62 -14.81 -0.03
C2' 5BU E 6 11.70 -13.60 -1.88
O2' 5BU E 6 13.04 -13.34 -2.27
C1' 5BU E 6 11.26 -14.94 -2.44
N1 5BU E 6 10.76 -14.82 -3.81
C2 5BU E 6 11.57 -15.17 -4.85
O2 5BU E 6 12.71 -15.60 -4.71
N3 5BU E 6 11.00 -15.02 -6.09
C4 5BU E 6 9.72 -14.55 -6.37
O4 5BU E 6 9.34 -14.47 -7.53
C5 5BU E 6 8.95 -14.22 -5.21
C6 5BU E 6 9.48 -14.36 -3.99
BR 5BU E 6 7.20 -13.57 -5.38
ZN ZN F . -12.60 -2.68 -13.45
#